data_2VFZ
#
_entry.id   2VFZ
#
_cell.length_a   44.735
_cell.length_b   64.759
_cell.length_c   66.468
_cell.angle_alpha   83.34
_cell.angle_beta   83.95
_cell.angle_gamma   70.14
#
_symmetry.space_group_name_H-M   'P 1'
#
loop_
_entity.id
_entity.type
_entity.pdbx_description
1 polymer 'N-ACETYLLACTOSAMINIDE ALPHA-1,3-GALACTOSYL TRANSFERASE'
2 non-polymer "URIDINE-5'-DIPHOSPHATE-2-DEOXY-2-FLUOROGALACTOSE"
3 non-polymer 'MANGANESE (II) ION'
4 water water
#
_entity_poly.entity_id   1
_entity_poly.type   'polypeptide(L)'
_entity_poly.pdbx_seq_one_letter_code
;ESKLKLSDWFNPFKRPEVVTMTKWKAPVVWEGTYNRAVLDNYYAKQKITVGLTVFAVGRYIEHYLEEFLTSANKHFMVGH
PVIFYIMVDDVSRMPLIELGPLRSFKVFKIKPEKRWQDISMMRMKTIGEHIVAHIQHEVDFLFCMDVDQVFQDKFGVETL
GESVAQLQAWWYKADPNDFTYERRKESAAYIPFGEGDFYYHAAIFGGTPTQVLNITQECFKGILKDKKNDIEAQWHDESH
LNKYFLLNKPTKILSPEYCWDYHIGLPADIKLVKMSWQTKEYNVVKNNV
;
_entity_poly.pdbx_strand_id   A,B
#
loop_
_chem_comp.id
_chem_comp.type
_chem_comp.name
_chem_comp.formula
MN non-polymer 'MANGANESE (II) ION' 'Mn 2'
UPF non-polymer URIDINE-5'-DIPHOSPHATE-2-DEOXY-2-FLUOROGALACTOSE 'C15 H23 F N2 O16 P2'
#
# COMPACT_ATOMS: atom_id res chain seq x y z
N LYS A 3 -0.65 24.09 -9.18
CA LYS A 3 -0.50 25.39 -9.89
C LYS A 3 0.30 25.14 -11.17
N LEU A 4 -0.07 24.09 -11.89
CA LEU A 4 0.61 23.72 -13.12
C LEU A 4 -0.12 24.21 -14.34
N LYS A 5 0.62 24.76 -15.30
CA LYS A 5 0.01 25.26 -16.53
C LYS A 5 0.20 24.27 -17.66
N LEU A 6 -0.73 24.28 -18.60
CA LEU A 6 -0.70 23.40 -19.75
C LEU A 6 0.59 23.60 -20.55
N SER A 7 0.96 24.85 -20.80
CA SER A 7 2.17 25.15 -21.55
C SER A 7 3.45 24.75 -20.79
N ASP A 8 3.28 24.27 -19.57
CA ASP A 8 4.41 23.84 -18.75
C ASP A 8 4.86 22.42 -19.12
N TRP A 9 3.93 21.60 -19.61
CA TRP A 9 4.27 20.22 -19.95
C TRP A 9 3.74 19.73 -21.29
N PHE A 10 2.81 20.48 -21.87
CA PHE A 10 2.19 20.07 -23.13
C PHE A 10 2.57 20.90 -24.35
N ASN A 11 3.13 20.22 -25.36
CA ASN A 11 3.51 20.87 -26.60
C ASN A 11 2.88 20.13 -27.79
N PRO A 12 1.65 20.52 -28.15
CA PRO A 12 0.90 19.90 -29.25
C PRO A 12 1.57 20.00 -30.62
N PHE A 13 2.44 20.99 -30.81
CA PHE A 13 3.11 21.16 -32.09
C PHE A 13 4.04 20.01 -32.43
N LYS A 14 4.33 19.16 -31.45
CA LYS A 14 5.19 17.99 -31.67
C LYS A 14 4.44 16.92 -32.48
N ARG A 15 3.11 16.93 -32.38
CA ARG A 15 2.29 15.97 -33.11
C ARG A 15 1.18 16.73 -33.85
N PRO A 16 1.53 17.39 -34.96
CA PRO A 16 0.66 18.18 -35.83
C PRO A 16 -0.32 17.38 -36.70
N GLU A 17 0.01 16.11 -36.95
CA GLU A 17 -0.83 15.25 -37.77
C GLU A 17 -2.07 14.72 -37.06
N VAL A 18 -2.18 14.94 -35.76
CA VAL A 18 -3.34 14.45 -35.03
C VAL A 18 -3.97 15.51 -34.14
N VAL A 19 -5.15 15.19 -33.61
CA VAL A 19 -5.86 16.12 -32.74
C VAL A 19 -5.20 16.16 -31.36
N THR A 20 -4.71 17.34 -30.99
CA THR A 20 -4.04 17.53 -29.71
C THR A 20 -4.88 18.32 -28.72
N MET A 21 -5.95 18.93 -29.21
CA MET A 21 -6.83 19.70 -28.36
C MET A 21 -8.29 19.57 -28.80
N THR A 22 -9.18 19.46 -27.82
CA THR A 22 -10.61 19.33 -28.07
C THR A 22 -11.19 20.73 -28.23
N LYS A 23 -12.38 20.83 -28.80
CA LYS A 23 -13.00 22.14 -28.99
C LYS A 23 -13.28 22.84 -27.66
N TRP A 24 -13.24 22.09 -26.55
CA TRP A 24 -13.49 22.69 -25.25
C TRP A 24 -12.24 22.86 -24.42
N LYS A 25 -11.08 22.96 -25.09
CA LYS A 25 -9.78 23.18 -24.43
C LYS A 25 -9.16 22.00 -23.70
N ALA A 26 -9.71 20.79 -23.85
CA ALA A 26 -9.14 19.65 -23.18
C ALA A 26 -8.03 19.08 -24.03
N PRO A 27 -6.87 18.82 -23.43
CA PRO A 27 -5.70 18.27 -24.11
C PRO A 27 -5.83 16.77 -24.41
N VAL A 28 -5.28 16.37 -25.56
CA VAL A 28 -5.27 14.98 -25.98
C VAL A 28 -3.80 14.60 -26.02
N VAL A 29 -3.36 13.83 -25.03
CA VAL A 29 -1.97 13.40 -24.90
C VAL A 29 -1.48 12.31 -25.85
N TRP A 30 -0.60 12.71 -26.77
CA TRP A 30 -0.01 11.77 -27.71
C TRP A 30 1.47 11.65 -27.39
N GLU A 31 2.08 10.57 -27.85
CA GLU A 31 3.49 10.34 -27.61
C GLU A 31 4.24 11.53 -28.22
N GLY A 32 5.18 12.08 -27.45
CA GLY A 32 5.97 13.20 -27.94
C GLY A 32 5.46 14.60 -27.65
N THR A 33 4.29 14.72 -27.04
CA THR A 33 3.74 16.04 -26.73
C THR A 33 3.82 16.39 -25.25
N TYR A 34 4.20 15.42 -24.42
CA TYR A 34 4.26 15.66 -22.99
C TYR A 34 5.68 15.65 -22.42
N ASN A 35 5.85 16.31 -21.28
CA ASN A 35 7.15 16.37 -20.60
C ASN A 35 6.94 15.66 -19.26
N ARG A 36 7.22 14.37 -19.22
CA ARG A 36 7.03 13.60 -18.00
C ARG A 36 7.99 14.05 -16.90
N ALA A 37 9.15 14.56 -17.32
CA ALA A 37 10.17 15.02 -16.36
C ALA A 37 9.62 16.15 -15.50
N VAL A 38 9.01 17.14 -16.14
CA VAL A 38 8.45 18.27 -15.41
C VAL A 38 7.33 17.78 -14.49
N LEU A 39 6.38 17.06 -15.08
CA LEU A 39 5.24 16.53 -14.32
C LEU A 39 5.66 15.68 -13.11
N ASP A 40 6.63 14.79 -13.31
CA ASP A 40 7.11 13.93 -12.22
C ASP A 40 7.63 14.76 -11.06
N ASN A 41 8.27 15.87 -11.39
CA ASN A 41 8.83 16.75 -10.38
C ASN A 41 7.69 17.48 -9.68
N TYR A 42 6.82 18.10 -10.47
CA TYR A 42 5.69 18.82 -9.94
C TYR A 42 4.82 17.97 -9.01
N TYR A 43 4.49 16.76 -9.46
CA TYR A 43 3.64 15.86 -8.67
C TYR A 43 4.35 15.25 -7.47
N ALA A 44 5.64 14.96 -7.63
CA ALA A 44 6.41 14.41 -6.54
C ALA A 44 6.39 15.40 -5.38
N LYS A 45 6.54 16.68 -5.70
CA LYS A 45 6.52 17.74 -4.70
C LYS A 45 5.21 17.74 -3.94
N GLN A 46 4.16 17.23 -4.58
CA GLN A 46 2.86 17.19 -3.93
C GLN A 46 2.69 15.88 -3.17
N LYS A 47 3.56 14.91 -3.45
CA LYS A 47 3.49 13.61 -2.81
C LYS A 47 2.12 12.98 -3.05
N ILE A 48 1.75 12.84 -4.32
CA ILE A 48 0.47 12.27 -4.69
C ILE A 48 0.54 10.75 -4.71
N THR A 49 -0.61 10.10 -4.58
CA THR A 49 -0.68 8.66 -4.61
C THR A 49 -1.68 8.31 -5.71
N VAL A 50 -1.34 7.34 -6.56
CA VAL A 50 -2.24 6.96 -7.64
C VAL A 50 -2.82 5.56 -7.41
N GLY A 51 -4.12 5.43 -7.58
CA GLY A 51 -4.75 4.14 -7.39
C GLY A 51 -5.11 3.50 -8.72
N LEU A 52 -5.30 2.20 -8.73
CA LEU A 52 -5.64 1.50 -9.96
C LEU A 52 -6.53 0.31 -9.64
N THR A 53 -7.80 0.38 -10.05
CA THR A 53 -8.72 -0.72 -9.79
C THR A 53 -8.69 -1.73 -10.94
N VAL A 54 -8.94 -2.99 -10.64
CA VAL A 54 -8.96 -4.01 -11.67
C VAL A 54 -9.75 -5.24 -11.23
N PHE A 55 -10.61 -5.70 -12.12
CA PHE A 55 -11.45 -6.86 -11.86
C PHE A 55 -11.01 -8.10 -12.61
N ALA A 56 -10.95 -9.21 -11.89
CA ALA A 56 -10.59 -10.50 -12.46
C ALA A 56 -11.55 -11.51 -11.86
N VAL A 57 -12.52 -11.90 -12.66
CA VAL A 57 -13.53 -12.86 -12.23
C VAL A 57 -13.49 -14.01 -13.22
N GLY A 58 -13.56 -15.23 -12.70
CA GLY A 58 -13.52 -16.39 -13.57
C GLY A 58 -12.12 -16.70 -14.10
N ARG A 59 -12.06 -17.15 -15.35
CA ARG A 59 -10.78 -17.50 -15.94
C ARG A 59 -9.96 -16.28 -16.30
N TYR A 60 -10.56 -15.10 -16.12
CA TYR A 60 -9.87 -13.85 -16.41
C TYR A 60 -8.74 -13.66 -15.40
N ILE A 61 -8.78 -14.46 -14.34
CA ILE A 61 -7.76 -14.41 -13.29
C ILE A 61 -6.49 -15.13 -13.75
N GLU A 62 -6.63 -16.40 -14.13
CA GLU A 62 -5.49 -17.19 -14.59
C GLU A 62 -4.95 -16.69 -15.92
N HIS A 63 -5.87 -16.21 -16.76
CA HIS A 63 -5.52 -15.71 -18.08
C HIS A 63 -4.91 -14.31 -18.17
N TYR A 64 -5.31 -13.38 -17.29
CA TYR A 64 -4.79 -12.01 -17.42
C TYR A 64 -4.25 -11.27 -16.20
N LEU A 65 -4.83 -11.52 -15.04
CA LEU A 65 -4.43 -10.83 -13.82
C LEU A 65 -2.94 -10.71 -13.57
N GLU A 66 -2.22 -11.84 -13.61
CA GLU A 66 -0.78 -11.81 -13.36
C GLU A 66 -0.02 -10.89 -14.33
N GLU A 67 -0.25 -11.08 -15.63
CA GLU A 67 0.42 -10.29 -16.64
C GLU A 67 0.08 -8.82 -16.54
N PHE A 68 -1.13 -8.53 -16.11
CA PHE A 68 -1.60 -7.15 -15.93
C PHE A 68 -0.79 -6.50 -14.81
N LEU A 69 -0.82 -7.13 -13.63
CA LEU A 69 -0.12 -6.62 -12.46
C LEU A 69 1.39 -6.52 -12.65
N THR A 70 2.01 -7.55 -13.20
CA THR A 70 3.45 -7.56 -13.42
C THR A 70 3.86 -6.41 -14.32
N SER A 71 3.07 -6.16 -15.37
CA SER A 71 3.42 -5.06 -16.27
C SER A 71 3.05 -3.68 -15.69
N ALA A 72 2.04 -3.63 -14.81
CA ALA A 72 1.63 -2.38 -14.19
C ALA A 72 2.66 -1.95 -13.14
N ASN A 73 3.13 -2.92 -12.37
CA ASN A 73 4.13 -2.68 -11.35
C ASN A 73 5.37 -2.11 -12.04
N LYS A 74 5.57 -2.54 -13.27
CA LYS A 74 6.72 -2.12 -14.06
C LYS A 74 6.58 -0.80 -14.82
N HIS A 75 5.37 -0.47 -15.28
CA HIS A 75 5.18 0.74 -16.07
C HIS A 75 4.24 1.83 -15.57
N PHE A 76 3.37 1.51 -14.62
CA PHE A 76 2.37 2.46 -14.11
C PHE A 76 2.83 3.52 -13.10
N MET A 77 2.92 4.77 -13.56
CA MET A 77 3.31 5.88 -12.70
C MET A 77 4.63 5.64 -11.94
N VAL A 78 5.63 5.11 -12.64
CA VAL A 78 6.91 4.85 -12.00
C VAL A 78 7.48 6.07 -11.28
N GLY A 79 7.99 5.84 -10.07
CA GLY A 79 8.56 6.93 -9.30
C GLY A 79 7.55 7.59 -8.38
N HIS A 80 6.32 7.07 -8.38
CA HIS A 80 5.25 7.60 -7.55
C HIS A 80 4.51 6.47 -6.86
N PRO A 81 4.07 6.71 -5.62
CA PRO A 81 3.34 5.68 -4.87
C PRO A 81 2.13 5.21 -5.64
N VAL A 82 1.93 3.90 -5.68
CA VAL A 82 0.81 3.34 -6.38
C VAL A 82 0.14 2.26 -5.54
N ILE A 83 -1.18 2.14 -5.67
CA ILE A 83 -1.92 1.12 -4.93
C ILE A 83 -2.85 0.43 -5.90
N PHE A 84 -2.72 -0.89 -6.00
CA PHE A 84 -3.54 -1.70 -6.87
C PHE A 84 -4.66 -2.30 -6.03
N TYR A 85 -5.91 -2.13 -6.48
CA TYR A 85 -7.07 -2.70 -5.78
C TYR A 85 -7.56 -3.87 -6.61
N ILE A 86 -7.20 -5.09 -6.21
CA ILE A 86 -7.60 -6.26 -6.97
C ILE A 86 -8.97 -6.80 -6.54
N MET A 87 -9.92 -6.85 -7.48
CA MET A 87 -11.26 -7.37 -7.21
C MET A 87 -11.41 -8.70 -7.93
N VAL A 88 -11.52 -9.76 -7.15
CA VAL A 88 -11.66 -11.10 -7.70
C VAL A 88 -12.75 -11.91 -6.99
N ASP A 89 -13.24 -12.95 -7.64
CA ASP A 89 -14.28 -13.78 -7.04
C ASP A 89 -13.69 -14.93 -6.25
N ASP A 90 -12.46 -15.31 -6.58
CA ASP A 90 -11.79 -16.41 -5.90
C ASP A 90 -10.41 -15.89 -5.50
N VAL A 91 -10.31 -15.40 -4.28
CA VAL A 91 -9.07 -14.84 -3.77
C VAL A 91 -7.92 -15.84 -3.70
N SER A 92 -8.26 -17.08 -3.37
CA SER A 92 -7.25 -18.13 -3.27
C SER A 92 -6.61 -18.44 -4.61
N ARG A 93 -7.09 -17.82 -5.68
CA ARG A 93 -6.53 -18.07 -6.99
C ARG A 93 -5.72 -16.88 -7.50
N MET A 94 -5.83 -15.76 -6.78
CA MET A 94 -5.11 -14.54 -7.15
C MET A 94 -3.59 -14.69 -7.06
N PRO A 95 -2.87 -14.34 -8.13
CA PRO A 95 -1.41 -14.44 -8.13
C PRO A 95 -0.72 -13.37 -7.29
N LEU A 96 0.18 -13.78 -6.41
CA LEU A 96 0.91 -12.83 -5.58
C LEU A 96 2.29 -12.58 -6.16
N ILE A 97 2.34 -11.67 -7.12
CA ILE A 97 3.61 -11.31 -7.76
C ILE A 97 4.38 -10.43 -6.80
N GLU A 98 5.66 -10.23 -7.08
CA GLU A 98 6.50 -9.39 -6.22
C GLU A 98 6.48 -7.95 -6.72
N LEU A 99 5.95 -7.04 -5.91
CA LEU A 99 5.87 -5.62 -6.27
C LEU A 99 7.18 -4.87 -6.05
N GLY A 100 7.42 -3.85 -6.85
CA GLY A 100 8.64 -3.08 -6.72
C GLY A 100 8.47 -1.83 -5.88
N PRO A 101 9.50 -0.96 -5.83
CA PRO A 101 9.46 0.28 -5.05
C PRO A 101 8.22 1.14 -5.31
N LEU A 102 7.59 1.60 -4.24
CA LEU A 102 6.41 2.46 -4.34
C LEU A 102 5.14 1.77 -4.80
N ARG A 103 5.14 0.45 -4.84
CA ARG A 103 3.92 -0.26 -5.23
C ARG A 103 3.46 -1.09 -4.04
N SER A 104 2.15 -1.15 -3.85
CA SER A 104 1.53 -1.96 -2.79
C SER A 104 0.16 -2.33 -3.35
N PHE A 105 -0.52 -3.28 -2.72
CA PHE A 105 -1.83 -3.72 -3.20
C PHE A 105 -2.77 -4.12 -2.09
N LYS A 106 -4.01 -4.37 -2.47
CA LYS A 106 -5.07 -4.75 -1.53
C LYS A 106 -6.10 -5.59 -2.29
N VAL A 107 -6.37 -6.78 -1.80
CA VAL A 107 -7.32 -7.69 -2.45
C VAL A 107 -8.70 -7.68 -1.82
N PHE A 108 -9.71 -7.74 -2.67
CA PHE A 108 -11.08 -7.74 -2.22
C PHE A 108 -11.83 -8.87 -2.89
N LYS A 109 -12.64 -9.59 -2.13
CA LYS A 109 -13.41 -10.68 -2.71
C LYS A 109 -14.79 -10.16 -3.08
N ILE A 110 -15.12 -10.25 -4.36
CA ILE A 110 -16.42 -9.80 -4.84
C ILE A 110 -17.22 -10.99 -5.34
N LYS A 111 -18.52 -10.78 -5.50
CA LYS A 111 -19.43 -11.80 -5.99
C LYS A 111 -19.35 -11.85 -7.52
N PRO A 112 -19.39 -13.07 -8.08
CA PRO A 112 -19.32 -13.27 -9.52
C PRO A 112 -20.72 -13.25 -10.14
N GLU A 113 -20.92 -12.37 -11.11
CA GLU A 113 -22.21 -12.24 -11.81
C GLU A 113 -22.33 -13.34 -12.85
N LYS A 114 -23.49 -13.98 -12.94
CA LYS A 114 -23.70 -15.06 -13.92
C LYS A 114 -23.38 -14.59 -15.34
N ARG A 115 -24.09 -13.56 -15.80
CA ARG A 115 -23.87 -13.03 -17.14
C ARG A 115 -22.59 -12.23 -17.20
N TRP A 116 -21.78 -12.49 -18.22
CA TRP A 116 -20.51 -11.78 -18.37
C TRP A 116 -20.75 -10.28 -18.49
N GLN A 117 -21.90 -9.91 -19.04
CA GLN A 117 -22.28 -8.51 -19.23
C GLN A 117 -22.46 -7.79 -17.90
N ASP A 118 -23.02 -8.49 -16.91
CA ASP A 118 -23.21 -7.88 -15.61
C ASP A 118 -21.89 -7.77 -14.88
N ILE A 119 -20.99 -8.71 -15.16
CA ILE A 119 -19.67 -8.69 -14.55
C ILE A 119 -18.97 -7.42 -15.01
N SER A 120 -19.13 -7.10 -16.28
CA SER A 120 -18.51 -5.91 -16.84
C SER A 120 -19.17 -4.64 -16.30
N MET A 121 -20.50 -4.61 -16.24
CA MET A 121 -21.24 -3.44 -15.76
C MET A 121 -21.27 -3.23 -14.24
N MET A 122 -21.35 -4.31 -13.48
CA MET A 122 -21.38 -4.21 -12.01
C MET A 122 -20.14 -3.51 -11.45
N ARG A 123 -19.08 -3.48 -12.25
CA ARG A 123 -17.85 -2.82 -11.83
C ARG A 123 -18.16 -1.39 -11.41
N MET A 124 -19.05 -0.74 -12.15
CA MET A 124 -19.43 0.64 -11.86
C MET A 124 -19.93 0.83 -10.44
N LYS A 125 -20.74 -0.12 -9.97
CA LYS A 125 -21.29 -0.04 -8.63
C LYS A 125 -20.19 -0.31 -7.59
N THR A 126 -19.48 -1.41 -7.78
CA THR A 126 -18.42 -1.78 -6.87
C THR A 126 -17.38 -0.66 -6.70
N ILE A 127 -16.89 -0.11 -7.80
CA ILE A 127 -15.92 0.97 -7.75
C ILE A 127 -16.40 2.12 -6.88
N GLY A 128 -17.65 2.53 -7.06
CA GLY A 128 -18.19 3.61 -6.26
C GLY A 128 -18.24 3.30 -4.78
N GLU A 129 -18.52 2.04 -4.42
CA GLU A 129 -18.59 1.67 -3.01
C GLU A 129 -17.24 1.78 -2.34
N HIS A 130 -16.21 1.28 -3.04
CA HIS A 130 -14.85 1.32 -2.52
C HIS A 130 -14.34 2.74 -2.47
N ILE A 131 -14.72 3.54 -3.45
CA ILE A 131 -14.29 4.92 -3.47
C ILE A 131 -14.78 5.57 -2.19
N VAL A 132 -16.08 5.50 -1.95
CA VAL A 132 -16.64 6.09 -0.75
C VAL A 132 -16.00 5.48 0.50
N ALA A 133 -15.92 4.16 0.55
CA ALA A 133 -15.37 3.46 1.71
C ALA A 133 -13.89 3.72 2.05
N HIS A 134 -13.03 3.86 1.04
CA HIS A 134 -11.60 4.06 1.34
C HIS A 134 -10.72 4.71 0.28
N ILE A 135 -11.00 4.43 -0.99
CA ILE A 135 -10.19 5.00 -2.07
C ILE A 135 -10.09 6.53 -2.04
N GLN A 136 -11.15 7.21 -1.65
CA GLN A 136 -11.14 8.68 -1.59
C GLN A 136 -10.16 9.19 -0.53
N HIS A 137 -9.83 8.34 0.43
CA HIS A 137 -8.91 8.73 1.51
C HIS A 137 -7.49 8.20 1.32
N GLU A 138 -7.24 7.47 0.23
CA GLU A 138 -5.92 6.89 0.01
C GLU A 138 -5.20 7.35 -1.24
N VAL A 139 -5.95 7.87 -2.21
CA VAL A 139 -5.34 8.31 -3.46
C VAL A 139 -5.84 9.68 -3.94
N ASP A 140 -5.00 10.37 -4.68
CA ASP A 140 -5.33 11.68 -5.21
C ASP A 140 -5.91 11.50 -6.60
N PHE A 141 -5.43 10.47 -7.30
CA PHE A 141 -5.92 10.12 -8.63
C PHE A 141 -6.14 8.61 -8.71
N LEU A 142 -7.19 8.21 -9.43
CA LEU A 142 -7.55 6.81 -9.59
C LEU A 142 -7.84 6.46 -11.05
N PHE A 143 -7.46 5.25 -11.45
CA PHE A 143 -7.71 4.76 -12.79
C PHE A 143 -8.46 3.44 -12.69
N CYS A 144 -9.38 3.21 -13.61
CA CYS A 144 -10.15 1.97 -13.62
C CYS A 144 -9.92 1.32 -14.98
N MET A 145 -9.23 0.19 -15.00
CA MET A 145 -8.95 -0.49 -16.28
C MET A 145 -9.42 -1.92 -16.37
N ASP A 146 -9.52 -2.40 -17.61
CA ASP A 146 -9.90 -3.78 -17.89
C ASP A 146 -8.68 -4.62 -17.51
N VAL A 147 -8.88 -5.89 -17.20
CA VAL A 147 -7.76 -6.74 -16.81
C VAL A 147 -7.06 -7.36 -18.02
N ASP A 148 -7.78 -7.46 -19.13
CA ASP A 148 -7.22 -8.04 -20.34
C ASP A 148 -6.44 -7.04 -21.18
N GLN A 149 -5.48 -6.40 -20.54
CA GLN A 149 -4.62 -5.42 -21.18
C GLN A 149 -3.24 -5.68 -20.60
N VAL A 150 -2.23 -5.08 -21.21
CA VAL A 150 -0.86 -5.26 -20.76
C VAL A 150 -0.09 -4.00 -21.10
N PHE A 151 0.62 -3.44 -20.12
CA PHE A 151 1.41 -2.24 -20.37
C PHE A 151 2.64 -2.69 -21.16
N GLN A 152 3.07 -1.85 -22.09
CA GLN A 152 4.22 -2.14 -22.93
C GLN A 152 5.31 -1.11 -22.69
N ASP A 153 4.93 -0.01 -22.06
CA ASP A 153 5.88 1.05 -21.77
C ASP A 153 5.32 2.02 -20.73
N LYS A 154 6.12 3.01 -20.35
CA LYS A 154 5.72 3.98 -19.33
C LYS A 154 4.34 4.60 -19.51
N PHE A 155 3.54 4.48 -18.47
CA PHE A 155 2.18 5.03 -18.44
C PHE A 155 2.29 6.00 -17.26
N GLY A 156 2.90 7.15 -17.50
CA GLY A 156 3.15 8.11 -16.44
C GLY A 156 2.09 9.11 -16.01
N VAL A 157 2.53 10.07 -15.20
CA VAL A 157 1.65 11.09 -14.67
C VAL A 157 1.11 12.05 -15.73
N GLU A 158 1.62 11.94 -16.96
CA GLU A 158 1.17 12.81 -18.03
C GLU A 158 -0.30 12.51 -18.32
N THR A 159 -0.81 11.42 -17.73
CA THR A 159 -2.20 11.02 -17.95
C THR A 159 -3.16 11.42 -16.81
N LEU A 160 -2.63 12.07 -15.77
CA LEU A 160 -3.45 12.50 -14.63
C LEU A 160 -4.31 13.73 -14.92
N GLY A 161 -5.45 13.80 -14.24
CA GLY A 161 -6.37 14.92 -14.40
C GLY A 161 -7.66 14.68 -13.63
N GLU A 162 -8.54 15.69 -13.61
CA GLU A 162 -9.83 15.60 -12.93
C GLU A 162 -10.68 14.43 -13.43
N SER A 163 -10.77 14.30 -14.74
CA SER A 163 -11.50 13.20 -15.37
C SER A 163 -10.82 12.92 -16.70
N VAL A 164 -10.21 11.75 -16.79
CA VAL A 164 -9.48 11.34 -17.98
C VAL A 164 -10.25 10.29 -18.75
N ALA A 165 -10.24 10.42 -20.07
CA ALA A 165 -10.90 9.49 -20.96
C ALA A 165 -9.87 8.91 -21.93
N GLN A 166 -10.18 7.73 -22.46
CA GLN A 166 -9.29 7.04 -23.41
C GLN A 166 -9.98 6.93 -24.78
N LEU A 167 -9.25 7.25 -25.84
CA LEU A 167 -9.80 7.17 -27.20
C LEU A 167 -9.76 5.73 -27.67
N GLN A 168 -10.88 5.24 -28.15
CA GLN A 168 -10.93 3.85 -28.61
C GLN A 168 -10.19 3.64 -29.94
N ALA A 169 -9.15 2.81 -29.90
CA ALA A 169 -8.29 2.50 -31.05
C ALA A 169 -8.93 2.45 -32.44
N TRP A 170 -10.04 1.72 -32.56
CA TRP A 170 -10.76 1.56 -33.83
C TRP A 170 -11.47 2.77 -34.42
N TRP A 171 -11.99 3.66 -33.56
CA TRP A 171 -12.75 4.80 -34.07
C TRP A 171 -12.13 6.18 -33.86
N TYR A 172 -10.88 6.26 -33.45
CA TYR A 172 -10.28 7.56 -33.19
C TYR A 172 -10.24 8.49 -34.40
N LYS A 173 -10.41 7.94 -35.60
CA LYS A 173 -10.38 8.77 -36.79
C LYS A 173 -11.72 8.81 -37.52
N ALA A 174 -12.71 8.10 -37.00
CA ALA A 174 -14.03 8.07 -37.64
C ALA A 174 -14.80 9.33 -37.28
N ASP A 175 -15.89 9.58 -38.00
CA ASP A 175 -16.70 10.74 -37.70
C ASP A 175 -17.81 10.34 -36.73
N PRO A 176 -18.18 11.26 -35.84
CA PRO A 176 -19.22 11.06 -34.83
C PRO A 176 -20.44 10.26 -35.29
N ASN A 177 -21.01 10.60 -36.45
CA ASN A 177 -22.19 9.87 -36.92
C ASN A 177 -21.98 8.38 -37.16
N ASP A 178 -20.72 7.95 -37.12
CA ASP A 178 -20.38 6.55 -37.33
C ASP A 178 -20.11 5.83 -35.99
N PHE A 179 -19.83 6.59 -34.94
CA PHE A 179 -19.56 6.00 -33.63
C PHE A 179 -20.60 4.97 -33.23
N THR A 180 -20.16 3.92 -32.53
CA THR A 180 -21.10 2.87 -32.11
C THR A 180 -21.77 3.24 -30.78
N TYR A 181 -22.35 4.43 -30.76
CA TYR A 181 -23.07 4.93 -29.59
C TYR A 181 -24.40 4.18 -29.57
N GLU A 182 -25.06 4.18 -28.43
CA GLU A 182 -26.38 3.58 -28.33
C GLU A 182 -27.31 4.60 -28.99
N ARG A 183 -27.99 4.18 -30.05
CA ARG A 183 -28.86 5.08 -30.81
C ARG A 183 -30.36 4.95 -30.54
N ARG A 184 -30.71 4.21 -29.49
CA ARG A 184 -32.11 4.02 -29.14
C ARG A 184 -32.46 4.89 -27.95
N LYS A 185 -33.45 5.76 -28.15
CA LYS A 185 -33.90 6.69 -27.12
C LYS A 185 -34.41 6.00 -25.86
N GLU A 186 -34.84 4.75 -25.98
CA GLU A 186 -35.33 4.02 -24.82
C GLU A 186 -34.21 3.76 -23.81
N SER A 187 -32.96 3.89 -24.24
CA SER A 187 -31.83 3.67 -23.37
C SER A 187 -31.31 4.94 -22.72
N ALA A 188 -30.82 4.79 -21.50
CA ALA A 188 -30.28 5.90 -20.75
C ALA A 188 -28.98 6.34 -21.40
N ALA A 189 -28.35 5.44 -22.14
CA ALA A 189 -27.07 5.74 -22.79
C ALA A 189 -27.26 6.37 -24.18
N TYR A 190 -28.50 6.57 -24.58
CA TYR A 190 -28.85 7.13 -25.87
C TYR A 190 -28.10 8.42 -26.23
N ILE A 191 -27.50 8.44 -27.41
CA ILE A 191 -26.80 9.62 -27.91
C ILE A 191 -27.32 9.89 -29.33
N PRO A 192 -28.06 10.99 -29.51
CA PRO A 192 -28.62 11.33 -30.82
C PRO A 192 -27.58 11.57 -31.92
N PHE A 193 -27.94 11.23 -33.17
CA PHE A 193 -27.04 11.45 -34.30
C PHE A 193 -26.81 12.95 -34.37
N GLY A 194 -25.66 13.37 -34.86
CA GLY A 194 -25.40 14.80 -34.93
C GLY A 194 -24.84 15.30 -33.61
N GLU A 195 -24.58 14.37 -32.70
CA GLU A 195 -24.02 14.70 -31.40
C GLU A 195 -22.89 13.74 -31.10
N GLY A 196 -21.95 14.18 -30.26
CA GLY A 196 -20.81 13.34 -29.91
C GLY A 196 -19.49 13.98 -30.26
N ASP A 197 -18.48 13.76 -29.42
CA ASP A 197 -17.14 14.32 -29.66
C ASP A 197 -16.18 13.21 -30.09
N PHE A 198 -16.05 12.18 -29.26
CA PHE A 198 -15.17 11.06 -29.59
C PHE A 198 -15.84 9.80 -29.06
N TYR A 199 -15.26 8.65 -29.41
CA TYR A 199 -15.78 7.38 -28.94
C TYR A 199 -14.77 6.84 -27.93
N TYR A 200 -15.09 6.99 -26.65
CA TYR A 200 -14.22 6.56 -25.58
C TYR A 200 -14.27 5.06 -25.27
N HIS A 201 -13.11 4.51 -24.93
CA HIS A 201 -12.96 3.10 -24.59
C HIS A 201 -13.19 2.94 -23.10
N ALA A 202 -14.08 2.02 -22.74
CA ALA A 202 -14.38 1.79 -21.33
C ALA A 202 -13.30 0.95 -20.65
N ALA A 203 -12.26 0.60 -21.40
CA ALA A 203 -11.18 -0.22 -20.85
C ALA A 203 -10.21 0.58 -19.98
N ILE A 204 -10.31 1.90 -20.04
CA ILE A 204 -9.45 2.80 -19.26
C ILE A 204 -10.10 4.15 -19.04
N PHE A 205 -10.31 4.52 -17.78
CA PHE A 205 -10.88 5.82 -17.47
C PHE A 205 -10.52 6.13 -16.04
N GLY A 206 -10.45 7.42 -15.71
CA GLY A 206 -10.10 7.78 -14.35
C GLY A 206 -10.17 9.26 -14.02
N GLY A 207 -9.43 9.65 -12.99
CA GLY A 207 -9.42 11.04 -12.55
C GLY A 207 -9.34 11.09 -11.04
N THR A 208 -9.86 12.15 -10.45
CA THR A 208 -9.84 12.26 -8.99
C THR A 208 -10.92 11.35 -8.45
N PRO A 209 -10.77 10.86 -7.21
CA PRO A 209 -11.78 9.97 -6.62
C PRO A 209 -13.20 10.53 -6.74
N THR A 210 -13.34 11.84 -6.56
CA THR A 210 -14.64 12.50 -6.65
C THR A 210 -15.25 12.32 -8.03
N GLN A 211 -14.50 12.70 -9.06
CA GLN A 211 -14.97 12.58 -10.42
C GLN A 211 -15.28 11.13 -10.81
N VAL A 212 -14.37 10.21 -10.49
CA VAL A 212 -14.60 8.81 -10.84
C VAL A 212 -15.88 8.29 -10.18
N LEU A 213 -16.19 8.79 -8.99
CA LEU A 213 -17.39 8.38 -8.29
C LEU A 213 -18.61 8.81 -9.09
N ASN A 214 -18.60 10.06 -9.54
CA ASN A 214 -19.73 10.55 -10.33
C ASN A 214 -19.90 9.76 -11.61
N ILE A 215 -18.78 9.49 -12.26
CA ILE A 215 -18.76 8.73 -13.51
C ILE A 215 -19.38 7.35 -13.29
N THR A 216 -18.83 6.63 -12.31
CA THR A 216 -19.31 5.31 -12.01
C THR A 216 -20.74 5.33 -11.47
N GLN A 217 -21.07 6.32 -10.65
CA GLN A 217 -22.43 6.41 -10.12
C GLN A 217 -23.44 6.65 -11.23
N GLU A 218 -23.18 7.66 -12.07
CA GLU A 218 -24.07 7.98 -13.18
C GLU A 218 -24.24 6.86 -14.19
N CYS A 219 -23.18 6.12 -14.48
CA CYS A 219 -23.30 5.01 -15.43
C CYS A 219 -24.15 3.90 -14.81
N PHE A 220 -23.87 3.54 -13.56
CA PHE A 220 -24.65 2.48 -12.92
C PHE A 220 -26.15 2.78 -12.90
N LYS A 221 -26.50 4.03 -12.63
CA LYS A 221 -27.90 4.43 -12.59
C LYS A 221 -28.54 4.12 -13.95
N GLY A 222 -27.89 4.56 -15.01
CA GLY A 222 -28.38 4.33 -16.36
C GLY A 222 -28.48 2.86 -16.69
N ILE A 223 -27.50 2.10 -16.20
CA ILE A 223 -27.47 0.66 -16.42
C ILE A 223 -28.67 0.03 -15.70
N LEU A 224 -28.96 0.54 -14.50
CA LEU A 224 -30.08 0.05 -13.71
C LEU A 224 -31.40 0.44 -14.33
N LYS A 225 -31.47 1.67 -14.82
CA LYS A 225 -32.69 2.17 -15.43
C LYS A 225 -33.06 1.36 -16.66
N ASP A 226 -32.07 1.04 -17.49
CA ASP A 226 -32.34 0.24 -18.69
C ASP A 226 -32.94 -1.11 -18.31
N LYS A 227 -32.45 -1.69 -17.22
CA LYS A 227 -32.95 -2.98 -16.77
C LYS A 227 -34.43 -2.92 -16.45
N LYS A 228 -34.85 -1.88 -15.72
CA LYS A 228 -36.27 -1.74 -15.37
C LYS A 228 -37.10 -1.50 -16.62
N ASN A 229 -36.42 -1.16 -17.71
CA ASN A 229 -37.09 -0.89 -18.98
C ASN A 229 -36.86 -2.02 -19.96
N ASP A 230 -36.25 -3.10 -19.47
CA ASP A 230 -35.97 -4.26 -20.30
C ASP A 230 -35.26 -3.90 -21.59
N ILE A 231 -34.12 -3.23 -21.45
CA ILE A 231 -33.31 -2.84 -22.58
C ILE A 231 -31.88 -2.84 -22.07
N GLU A 232 -30.93 -3.07 -22.96
CA GLU A 232 -29.54 -3.09 -22.56
C GLU A 232 -28.69 -2.43 -23.64
N ALA A 233 -27.94 -1.42 -23.24
CA ALA A 233 -27.08 -0.68 -24.15
C ALA A 233 -26.26 -1.65 -25.00
N GLN A 234 -26.07 -1.31 -26.27
CA GLN A 234 -25.31 -2.15 -27.20
C GLN A 234 -23.95 -2.58 -26.66
N TRP A 235 -23.14 -1.62 -26.20
CA TRP A 235 -21.83 -1.94 -25.65
C TRP A 235 -21.81 -1.78 -24.15
N HIS A 236 -22.95 -2.04 -23.53
CA HIS A 236 -23.09 -1.99 -22.09
C HIS A 236 -22.55 -0.73 -21.42
N ASP A 237 -21.77 -0.93 -20.36
CA ASP A 237 -21.20 0.18 -19.63
C ASP A 237 -20.44 1.17 -20.51
N GLU A 238 -19.88 0.69 -21.62
CA GLU A 238 -19.14 1.59 -22.50
C GLU A 238 -20.11 2.56 -23.16
N SER A 239 -21.32 2.08 -23.41
CA SER A 239 -22.32 2.94 -24.02
C SER A 239 -22.70 4.06 -23.04
N HIS A 240 -22.86 3.68 -21.78
CA HIS A 240 -23.20 4.62 -20.71
C HIS A 240 -22.04 5.60 -20.47
N LEU A 241 -20.81 5.06 -20.45
CA LEU A 241 -19.62 5.87 -20.25
C LEU A 241 -19.50 6.94 -21.35
N ASN A 242 -19.78 6.56 -22.59
CA ASN A 242 -19.70 7.54 -23.66
C ASN A 242 -20.80 8.58 -23.51
N LYS A 243 -21.95 8.12 -23.03
CA LYS A 243 -23.08 9.02 -22.81
C LYS A 243 -22.70 10.05 -21.75
N TYR A 244 -22.06 9.58 -20.67
CA TYR A 244 -21.63 10.42 -19.56
C TYR A 244 -20.58 11.47 -19.94
N PHE A 245 -19.60 11.04 -20.74
CA PHE A 245 -18.54 11.92 -21.18
C PHE A 245 -19.04 12.94 -22.20
N LEU A 246 -20.24 12.73 -22.71
CA LEU A 246 -20.81 13.65 -23.68
C LEU A 246 -21.35 14.83 -22.89
N LEU A 247 -22.10 14.50 -21.84
CA LEU A 247 -22.71 15.49 -20.96
C LEU A 247 -21.69 16.15 -20.06
N ASN A 248 -20.76 15.34 -19.54
CA ASN A 248 -19.73 15.85 -18.65
C ASN A 248 -18.39 15.58 -19.33
N LYS A 249 -17.97 16.49 -20.20
CA LYS A 249 -16.72 16.33 -20.94
C LYS A 249 -15.48 16.23 -20.06
N PRO A 250 -14.56 15.32 -20.39
CA PRO A 250 -13.31 15.11 -19.65
C PRO A 250 -12.30 16.24 -19.75
N THR A 251 -11.45 16.35 -18.73
CA THR A 251 -10.44 17.41 -18.71
C THR A 251 -9.17 16.98 -19.45
N LYS A 252 -9.14 15.72 -19.89
CA LYS A 252 -7.99 15.19 -20.60
C LYS A 252 -8.31 13.86 -21.27
N ILE A 253 -7.80 13.68 -22.49
CA ILE A 253 -8.01 12.49 -23.29
C ILE A 253 -6.69 11.85 -23.67
N LEU A 254 -6.60 10.52 -23.53
CA LEU A 254 -5.39 9.80 -23.89
C LEU A 254 -5.51 9.26 -25.30
N SER A 255 -4.44 9.39 -26.07
CA SER A 255 -4.45 8.92 -27.46
C SER A 255 -4.56 7.40 -27.48
N PRO A 256 -4.88 6.84 -28.64
CA PRO A 256 -5.01 5.39 -28.76
C PRO A 256 -3.69 4.67 -28.48
N GLU A 257 -2.63 5.43 -28.23
CA GLU A 257 -1.32 4.86 -27.93
C GLU A 257 -1.30 4.35 -26.49
N TYR A 258 -2.24 4.81 -25.68
CA TYR A 258 -2.31 4.36 -24.29
C TYR A 258 -3.24 3.15 -24.15
N CYS A 259 -3.74 2.66 -25.29
CA CYS A 259 -4.61 1.49 -25.29
C CYS A 259 -4.83 1.05 -26.72
N TRP A 260 -3.75 0.59 -27.32
CA TRP A 260 -3.74 0.16 -28.71
C TRP A 260 -4.07 -1.31 -28.96
N ASP A 261 -4.71 -1.56 -30.09
CA ASP A 261 -5.07 -2.91 -30.48
C ASP A 261 -4.18 -3.33 -31.66
N TYR A 262 -3.09 -4.03 -31.36
CA TYR A 262 -2.16 -4.48 -32.39
C TYR A 262 -2.85 -5.21 -33.52
N HIS A 263 -4.07 -5.68 -33.29
CA HIS A 263 -4.81 -6.38 -34.33
C HIS A 263 -5.04 -5.41 -35.50
N ILE A 264 -5.14 -4.13 -35.17
CA ILE A 264 -5.34 -3.10 -36.17
C ILE A 264 -4.06 -2.96 -36.99
N GLY A 265 -2.93 -3.32 -36.38
CA GLY A 265 -1.64 -3.20 -37.04
C GLY A 265 -0.95 -2.10 -36.26
N LEU A 266 -0.13 -1.29 -36.93
CA LEU A 266 0.54 -0.18 -36.27
C LEU A 266 0.77 0.95 -37.25
N PRO A 267 -0.21 1.86 -37.36
CA PRO A 267 -0.12 3.00 -38.27
C PRO A 267 0.83 4.08 -37.80
N ALA A 268 1.07 5.04 -38.67
CA ALA A 268 1.97 6.16 -38.41
C ALA A 268 1.65 6.89 -37.10
N ASP A 269 0.38 7.17 -36.88
CA ASP A 269 -0.07 7.89 -35.69
C ASP A 269 0.34 7.24 -34.37
N ILE A 270 0.46 5.93 -34.36
CA ILE A 270 0.82 5.23 -33.14
C ILE A 270 2.34 5.17 -33.00
N LYS A 271 2.91 6.15 -32.31
CA LYS A 271 4.34 6.21 -32.15
C LYS A 271 4.91 5.24 -31.11
N LEU A 272 4.50 5.39 -29.86
CA LEU A 272 4.98 4.51 -28.78
C LEU A 272 3.83 3.98 -27.93
N VAL A 273 3.52 2.71 -28.11
CA VAL A 273 2.45 2.05 -27.38
C VAL A 273 2.77 1.91 -25.88
N LYS A 274 1.90 2.46 -25.04
CA LYS A 274 2.09 2.38 -23.60
C LYS A 274 1.39 1.14 -23.07
N MET A 275 0.27 0.80 -23.71
CA MET A 275 -0.51 -0.36 -23.32
C MET A 275 -1.25 -0.93 -24.54
N SER A 276 -1.39 -2.25 -24.56
CA SER A 276 -2.05 -2.93 -25.65
C SER A 276 -3.11 -3.91 -25.15
N TRP A 277 -4.03 -4.26 -26.04
CA TRP A 277 -5.10 -5.19 -25.74
C TRP A 277 -4.57 -6.61 -25.76
N GLN A 278 -5.19 -7.49 -24.97
CA GLN A 278 -4.77 -8.88 -24.95
C GLN A 278 -5.43 -9.63 -26.11
N THR A 279 -4.72 -10.62 -26.62
CA THR A 279 -5.22 -11.43 -27.73
C THR A 279 -6.30 -12.40 -27.25
N LYS A 280 -7.31 -11.87 -26.55
CA LYS A 280 -8.40 -12.67 -26.02
C LYS A 280 -9.13 -13.45 -27.12
N LEU B 4 6.92 19.88 16.80
CA LEU B 4 6.27 18.99 17.80
C LEU B 4 7.08 18.92 19.08
N LYS B 5 6.54 19.51 20.15
CA LYS B 5 7.22 19.52 21.43
C LYS B 5 6.63 18.39 22.29
N LEU B 6 7.45 17.85 23.17
CA LEU B 6 7.04 16.77 24.06
C LEU B 6 5.93 17.21 25.00
N SER B 7 5.86 18.53 25.25
CA SER B 7 4.86 19.10 26.16
C SER B 7 3.46 19.07 25.56
N ASP B 8 3.41 18.95 24.23
CA ASP B 8 2.17 18.93 23.49
C ASP B 8 1.36 17.65 23.65
N TRP B 9 2.04 16.52 23.72
CA TRP B 9 1.33 15.24 23.83
C TRP B 9 1.68 14.43 25.06
N PHE B 10 2.90 14.58 25.56
CA PHE B 10 3.33 13.80 26.70
C PHE B 10 3.10 14.44 28.06
N ASN B 11 2.57 13.66 28.98
CA ASN B 11 2.30 14.13 30.34
C ASN B 11 2.51 12.99 31.35
N PRO B 12 3.73 12.90 31.91
CA PRO B 12 4.09 11.86 32.89
C PRO B 12 3.38 11.94 34.24
N PHE B 13 2.77 13.09 34.55
CA PHE B 13 2.07 13.25 35.82
C PHE B 13 0.94 12.23 35.97
N LYS B 14 0.46 11.70 34.84
CA LYS B 14 -0.63 10.73 34.83
C LYS B 14 -0.21 9.35 35.35
N ARG B 15 1.07 9.02 35.21
CA ARG B 15 1.55 7.72 35.68
C ARG B 15 2.80 7.88 36.54
N PRO B 16 2.62 8.29 37.80
CA PRO B 16 3.71 8.50 38.77
C PRO B 16 4.33 7.21 39.31
N GLU B 17 3.54 6.15 39.37
CA GLU B 17 4.02 4.86 39.88
C GLU B 17 5.05 4.18 38.96
N VAL B 18 5.26 4.71 37.76
CA VAL B 18 6.21 4.09 36.85
C VAL B 18 7.13 5.12 36.20
N VAL B 19 8.27 4.65 35.68
CA VAL B 19 9.26 5.51 35.00
C VAL B 19 8.68 6.02 33.69
N THR B 20 8.61 7.35 33.56
CA THR B 20 8.06 7.97 32.36
C THR B 20 9.13 8.71 31.57
N MET B 21 10.33 8.78 32.15
CA MET B 21 11.44 9.48 31.52
C MET B 21 12.77 8.78 31.81
N THR B 22 13.57 8.56 30.77
CA THR B 22 14.88 7.94 30.94
C THR B 22 15.87 9.01 31.37
N LYS B 23 17.07 8.59 31.75
CA LYS B 23 18.08 9.54 32.18
C LYS B 23 18.58 10.38 31.00
N TRP B 24 18.55 9.82 29.80
CA TRP B 24 18.98 10.55 28.62
C TRP B 24 17.82 11.34 28.03
N LYS B 25 16.76 11.48 28.83
CA LYS B 25 15.57 12.24 28.45
C LYS B 25 14.61 11.61 27.47
N ALA B 26 14.77 10.33 27.19
CA ALA B 26 13.85 9.68 26.28
C ALA B 26 12.61 9.35 27.13
N PRO B 27 11.42 9.57 26.58
CA PRO B 27 10.18 9.29 27.30
C PRO B 27 9.75 7.81 27.20
N VAL B 28 9.03 7.36 28.22
CA VAL B 28 8.53 6.00 28.25
C VAL B 28 7.03 6.07 28.17
N VAL B 29 6.46 5.69 27.03
CA VAL B 29 5.03 5.77 26.84
C VAL B 29 4.18 4.74 27.60
N TRP B 30 3.33 5.25 28.49
CA TRP B 30 2.44 4.42 29.28
C TRP B 30 0.98 4.83 29.05
N GLU B 31 0.08 3.88 29.16
CA GLU B 31 -1.35 4.16 28.99
C GLU B 31 -1.72 5.33 29.91
N GLY B 32 -2.36 6.34 29.35
CA GLY B 32 -2.77 7.49 30.14
C GLY B 32 -1.81 8.67 30.16
N THR B 33 -0.62 8.52 29.57
CA THR B 33 0.37 9.59 29.55
C THR B 33 0.45 10.23 28.17
N TYR B 34 -0.25 9.67 27.20
CA TYR B 34 -0.21 10.16 25.83
C TYR B 34 -1.54 10.71 25.32
N ASN B 35 -1.45 11.67 24.41
CA ASN B 35 -2.62 12.28 23.80
C ASN B 35 -2.58 11.96 22.31
N ARG B 36 -3.13 10.82 21.93
CA ARG B 36 -3.13 10.43 20.53
C ARG B 36 -3.84 11.45 19.64
N ALA B 37 -4.86 12.10 20.18
CA ALA B 37 -5.64 13.10 19.44
C ALA B 37 -4.79 14.21 18.82
N VAL B 38 -3.90 14.78 19.61
CA VAL B 38 -3.03 15.85 19.15
C VAL B 38 -2.02 15.32 18.14
N LEU B 39 -1.42 14.17 18.45
CA LEU B 39 -0.44 13.58 17.55
C LEU B 39 -1.03 13.21 16.20
N ASP B 40 -2.26 12.69 16.18
CA ASP B 40 -2.91 12.33 14.92
C ASP B 40 -3.06 13.55 14.03
N ASN B 41 -3.36 14.69 14.64
CA ASN B 41 -3.52 15.95 13.90
C ASN B 41 -2.19 16.34 13.29
N TYR B 42 -1.18 16.49 14.13
CA TYR B 42 0.15 16.87 13.66
C TYR B 42 0.61 15.92 12.56
N TYR B 43 0.53 14.62 12.84
CA TYR B 43 0.96 13.63 11.88
C TYR B 43 0.12 13.54 10.61
N ALA B 44 -1.16 13.82 10.73
CA ALA B 44 -2.03 13.77 9.55
C ALA B 44 -1.63 14.86 8.56
N LYS B 45 -1.45 16.07 9.07
CA LYS B 45 -1.06 17.20 8.24
C LYS B 45 0.29 16.96 7.58
N GLN B 46 1.14 16.19 8.26
CA GLN B 46 2.46 15.90 7.72
C GLN B 46 2.41 14.90 6.56
N LYS B 47 1.27 14.22 6.41
CA LYS B 47 1.09 13.20 5.38
C LYS B 47 2.16 12.12 5.53
N ILE B 48 2.24 11.55 6.73
CA ILE B 48 3.23 10.50 6.97
C ILE B 48 2.65 9.12 6.76
N THR B 49 3.48 8.20 6.28
CA THR B 49 3.07 6.82 6.06
C THR B 49 3.87 5.92 6.98
N VAL B 50 3.23 4.94 7.61
CA VAL B 50 3.93 4.05 8.51
C VAL B 50 4.06 2.63 7.94
N GLY B 51 5.26 2.10 8.01
CA GLY B 51 5.52 0.76 7.51
C GLY B 51 5.61 -0.23 8.65
N LEU B 52 5.46 -1.52 8.32
CA LEU B 52 5.51 -2.57 9.32
C LEU B 52 6.05 -3.86 8.74
N THR B 53 7.19 -4.35 9.23
CA THR B 53 7.72 -5.60 8.71
C THR B 53 7.32 -6.75 9.64
N VAL B 54 7.15 -7.93 9.06
CA VAL B 54 6.80 -9.12 9.82
C VAL B 54 7.21 -10.36 9.03
N PHE B 55 7.76 -11.34 9.74
CA PHE B 55 8.23 -12.59 9.13
C PHE B 55 7.40 -13.78 9.60
N ALA B 56 7.11 -14.69 8.69
CA ALA B 56 6.39 -15.92 9.00
C ALA B 56 7.03 -17.02 8.16
N VAL B 57 7.73 -17.93 8.83
CA VAL B 57 8.41 -19.05 8.19
C VAL B 57 7.92 -20.35 8.83
N GLY B 58 7.57 -21.33 8.00
CA GLY B 58 7.10 -22.60 8.51
C GLY B 58 5.77 -22.54 9.24
N ARG B 59 5.69 -23.24 10.37
CA ARG B 59 4.47 -23.30 11.17
C ARG B 59 3.99 -21.93 11.64
N TYR B 60 4.89 -20.97 11.79
CA TYR B 60 4.51 -19.65 12.26
C TYR B 60 3.53 -18.94 11.34
N ILE B 61 3.43 -19.37 10.09
CA ILE B 61 2.50 -18.72 9.18
C ILE B 61 1.06 -19.06 9.56
N GLU B 62 0.75 -20.36 9.61
CA GLU B 62 -0.58 -20.83 9.97
C GLU B 62 -1.02 -20.49 11.39
N HIS B 63 -0.07 -20.43 12.31
CA HIS B 63 -0.38 -20.16 13.71
C HIS B 63 -0.44 -18.71 14.18
N TYR B 64 0.20 -17.80 13.46
CA TYR B 64 0.21 -16.41 13.91
C TYR B 64 0.03 -15.31 12.87
N LEU B 65 0.44 -15.55 11.63
CA LEU B 65 0.36 -14.52 10.59
C LEU B 65 -1.01 -13.90 10.33
N GLU B 66 -2.03 -14.74 10.20
CA GLU B 66 -3.38 -14.25 9.95
C GLU B 66 -3.90 -13.41 11.11
N GLU B 67 -3.64 -13.86 12.33
CA GLU B 67 -4.11 -13.15 13.52
C GLU B 67 -3.35 -11.83 13.74
N PHE B 68 -2.08 -11.83 13.36
CA PHE B 68 -1.26 -10.64 13.51
C PHE B 68 -1.79 -9.52 12.61
N LEU B 69 -1.95 -9.82 11.33
CA LEU B 69 -2.42 -8.83 10.34
C LEU B 69 -3.85 -8.34 10.54
N THR B 70 -4.73 -9.23 10.97
CA THR B 70 -6.12 -8.89 11.20
C THR B 70 -6.19 -7.87 12.34
N SER B 71 -5.42 -8.13 13.39
CA SER B 71 -5.39 -7.24 14.55
C SER B 71 -4.59 -5.96 14.30
N ALA B 72 -3.68 -6.02 13.33
CA ALA B 72 -2.86 -4.86 12.99
C ALA B 72 -3.67 -3.94 12.10
N ASN B 73 -4.36 -4.55 11.16
CA ASN B 73 -5.21 -3.79 10.25
C ASN B 73 -6.25 -3.03 11.07
N LYS B 74 -6.62 -3.60 12.20
CA LYS B 74 -7.64 -3.00 13.05
C LYS B 74 -7.14 -2.01 14.10
N HIS B 75 -5.91 -2.17 14.57
CA HIS B 75 -5.38 -1.31 15.62
C HIS B 75 -4.13 -0.50 15.36
N PHE B 76 -3.36 -0.88 14.34
CA PHE B 76 -2.10 -0.22 14.03
C PHE B 76 -2.20 1.07 13.25
N MET B 77 -1.75 2.16 13.87
CA MET B 77 -1.75 3.49 13.26
C MET B 77 -3.09 3.84 12.56
N VAL B 78 -4.19 3.56 13.23
CA VAL B 78 -5.51 3.85 12.67
C VAL B 78 -5.63 5.33 12.29
N GLY B 79 -6.07 5.58 11.06
CA GLY B 79 -6.23 6.94 10.58
C GLY B 79 -5.03 7.47 9.83
N HIS B 80 -4.09 6.60 9.49
CA HIS B 80 -2.89 6.99 8.74
C HIS B 80 -2.51 5.87 7.78
N PRO B 81 -1.91 6.22 6.63
CA PRO B 81 -1.50 5.23 5.62
C PRO B 81 -0.53 4.23 6.23
N VAL B 82 -0.74 2.95 5.95
CA VAL B 82 0.14 1.90 6.48
C VAL B 82 0.43 0.83 5.43
N ILE B 83 1.68 0.38 5.37
CA ILE B 83 2.07 -0.63 4.42
C ILE B 83 2.66 -1.84 5.17
N PHE B 84 1.96 -2.96 5.11
CA PHE B 84 2.43 -4.18 5.78
C PHE B 84 3.43 -4.90 4.87
N TYR B 85 4.62 -5.19 5.39
CA TYR B 85 5.66 -5.89 4.63
C TYR B 85 5.76 -7.30 5.17
N ILE B 86 5.18 -8.24 4.43
CA ILE B 86 5.15 -9.64 4.84
C ILE B 86 6.23 -10.50 4.20
N MET B 87 7.06 -11.13 5.04
CA MET B 87 8.12 -11.99 4.55
C MET B 87 7.85 -13.44 4.95
N VAL B 88 7.67 -14.30 3.95
CA VAL B 88 7.39 -15.71 4.20
C VAL B 88 8.17 -16.63 3.25
N ASP B 89 8.38 -17.87 3.70
CA ASP B 89 9.12 -18.84 2.90
C ASP B 89 8.20 -19.52 1.90
N ASP B 90 6.90 -19.46 2.14
CA ASP B 90 5.94 -20.08 1.25
C ASP B 90 4.78 -19.14 1.01
N VAL B 91 4.74 -18.56 -0.17
CA VAL B 91 3.69 -17.60 -0.51
C VAL B 91 2.31 -18.21 -0.66
N SER B 92 2.24 -19.44 -1.16
CA SER B 92 0.96 -20.11 -1.36
C SER B 92 0.19 -20.27 -0.06
N ARG B 93 0.88 -20.14 1.07
CA ARG B 93 0.22 -20.28 2.37
C ARG B 93 -0.16 -18.94 2.99
N MET B 94 0.35 -17.87 2.37
CA MET B 94 0.09 -16.50 2.79
C MET B 94 -1.42 -16.26 2.83
N PRO B 95 -1.97 -16.02 4.03
CA PRO B 95 -3.41 -15.79 4.15
C PRO B 95 -3.82 -14.38 3.74
N LEU B 96 -4.63 -14.26 2.70
CA LEU B 96 -5.08 -12.95 2.25
C LEU B 96 -6.30 -12.47 3.02
N ILE B 97 -6.06 -11.58 3.98
CA ILE B 97 -7.15 -11.04 4.76
C ILE B 97 -7.61 -9.77 4.09
N GLU B 98 -8.82 -9.33 4.40
CA GLU B 98 -9.35 -8.10 3.83
C GLU B 98 -8.89 -6.91 4.66
N LEU B 99 -8.12 -6.02 4.03
CA LEU B 99 -7.62 -4.84 4.72
C LEU B 99 -8.63 -3.70 4.65
N GLY B 100 -8.55 -2.80 5.62
CA GLY B 100 -9.47 -1.69 5.67
C GLY B 100 -8.84 -0.38 5.20
N PRO B 101 -9.55 0.74 5.37
CA PRO B 101 -9.05 2.06 4.95
C PRO B 101 -7.63 2.36 5.42
N LEU B 102 -6.82 2.89 4.50
CA LEU B 102 -5.46 3.28 4.79
C LEU B 102 -4.45 2.16 4.98
N ARG B 103 -4.83 0.92 4.68
CA ARG B 103 -3.88 -0.20 4.81
C ARG B 103 -3.66 -0.82 3.42
N SER B 104 -2.49 -1.40 3.21
CA SER B 104 -2.17 -2.07 1.96
C SER B 104 -0.93 -2.90 2.28
N PHE B 105 -0.47 -3.71 1.34
CA PHE B 105 0.71 -4.53 1.58
C PHE B 105 1.28 -5.17 0.35
N LYS B 106 2.34 -5.94 0.56
CA LYS B 106 3.00 -6.69 -0.50
C LYS B 106 3.84 -7.76 0.17
N VAL B 107 3.79 -8.96 -0.41
CA VAL B 107 4.50 -10.11 0.12
C VAL B 107 5.83 -10.37 -0.57
N PHE B 108 6.77 -10.91 0.17
CA PHE B 108 8.09 -11.24 -0.36
C PHE B 108 8.46 -12.66 0.05
N LYS B 109 8.88 -13.45 -0.93
CA LYS B 109 9.28 -14.81 -0.68
C LYS B 109 10.75 -14.80 -0.23
N ILE B 110 11.01 -15.28 0.98
CA ILE B 110 12.38 -15.33 1.47
C ILE B 110 12.81 -16.78 1.66
N LYS B 111 14.11 -16.98 1.66
CA LYS B 111 14.70 -18.30 1.85
C LYS B 111 14.51 -18.72 3.31
N PRO B 112 14.05 -19.96 3.53
CA PRO B 112 13.85 -20.43 4.92
C PRO B 112 15.15 -20.99 5.50
N GLU B 113 15.46 -20.64 6.73
CA GLU B 113 16.67 -21.13 7.38
C GLU B 113 16.36 -22.45 8.09
N LYS B 114 17.38 -23.29 8.26
CA LYS B 114 17.20 -24.59 8.90
C LYS B 114 17.21 -24.57 10.42
N ARG B 115 17.54 -23.42 11.00
CA ARG B 115 17.56 -23.27 12.45
C ARG B 115 16.66 -22.10 12.76
N TRP B 116 15.69 -22.29 13.65
CA TRP B 116 14.79 -21.18 13.97
C TRP B 116 15.61 -19.96 14.42
N GLN B 117 16.73 -20.22 15.11
CA GLN B 117 17.58 -19.13 15.57
C GLN B 117 18.06 -18.30 14.39
N ASP B 118 18.39 -18.97 13.28
CA ASP B 118 18.84 -18.26 12.10
C ASP B 118 17.67 -17.51 11.43
N ILE B 119 16.47 -18.06 11.51
CA ILE B 119 15.31 -17.39 10.92
C ILE B 119 15.14 -16.06 11.65
N SER B 120 15.20 -16.12 12.98
CA SER B 120 15.06 -14.93 13.79
C SER B 120 16.14 -13.90 13.51
N MET B 121 17.41 -14.29 13.58
CA MET B 121 18.52 -13.38 13.36
C MET B 121 18.66 -12.83 11.94
N MET B 122 18.25 -13.63 10.95
CA MET B 122 18.33 -13.22 9.54
C MET B 122 17.39 -12.07 9.23
N ARG B 123 16.36 -11.89 10.05
CA ARG B 123 15.41 -10.82 9.80
C ARG B 123 16.15 -9.49 9.73
N MET B 124 17.21 -9.39 10.52
CA MET B 124 18.05 -8.21 10.57
C MET B 124 18.65 -7.88 9.20
N LYS B 125 19.15 -8.91 8.53
CA LYS B 125 19.75 -8.75 7.22
C LYS B 125 18.71 -8.40 6.16
N THR B 126 17.61 -9.15 6.16
CA THR B 126 16.56 -8.94 5.20
C THR B 126 15.89 -7.59 5.33
N ILE B 127 15.63 -7.16 6.56
CA ILE B 127 14.98 -5.88 6.79
C ILE B 127 15.84 -4.78 6.17
N GLY B 128 17.14 -4.83 6.42
CA GLY B 128 18.05 -3.84 5.86
C GLY B 128 18.01 -3.78 4.35
N GLU B 129 18.20 -4.91 3.70
CA GLU B 129 18.16 -4.97 2.24
C GLU B 129 16.88 -4.31 1.71
N HIS B 130 15.76 -4.56 2.38
CA HIS B 130 14.48 -3.99 1.96
C HIS B 130 14.36 -2.50 2.25
N ILE B 131 15.05 -2.02 3.28
CA ILE B 131 14.99 -0.59 3.60
C ILE B 131 15.71 0.15 2.48
N VAL B 132 16.88 -0.34 2.10
CA VAL B 132 17.64 0.30 1.04
C VAL B 132 16.95 0.17 -0.31
N ALA B 133 16.40 -1.00 -0.58
CA ALA B 133 15.71 -1.26 -1.83
C ALA B 133 14.41 -0.48 -2.06
N HIS B 134 13.56 -0.38 -1.03
CA HIS B 134 12.29 0.32 -1.20
C HIS B 134 11.65 1.00 0.01
N ILE B 135 11.73 0.37 1.18
CA ILE B 135 11.11 0.94 2.38
C ILE B 135 11.49 2.40 2.65
N GLN B 136 12.75 2.76 2.43
CA GLN B 136 13.17 4.13 2.66
C GLN B 136 12.38 5.12 1.80
N HIS B 137 11.97 4.67 0.62
CA HIS B 137 11.23 5.51 -0.31
C HIS B 137 9.71 5.49 -0.11
N GLU B 138 9.21 4.65 0.80
CA GLU B 138 7.77 4.55 0.99
C GLU B 138 7.20 4.97 2.35
N VAL B 139 8.03 4.98 3.39
CA VAL B 139 7.51 5.36 4.71
C VAL B 139 8.42 6.32 5.49
N ASP B 140 7.79 7.03 6.43
CA ASP B 140 8.47 7.98 7.27
C ASP B 140 8.96 7.25 8.53
N PHE B 141 8.16 6.29 8.97
CA PHE B 141 8.47 5.49 10.14
C PHE B 141 8.19 4.03 9.84
N LEU B 142 9.03 3.16 10.37
CA LEU B 142 8.93 1.74 10.17
C LEU B 142 8.98 1.00 11.50
N PHE B 143 8.21 -0.09 11.58
CA PHE B 143 8.17 -0.91 12.77
C PHE B 143 8.46 -2.35 12.38
N CYS B 144 9.31 -3.02 13.16
CA CYS B 144 9.67 -4.40 12.92
C CYS B 144 9.21 -5.23 14.11
N MET B 145 8.28 -6.15 13.86
CA MET B 145 7.72 -6.98 14.93
C MET B 145 7.77 -8.48 14.72
N ASP B 146 7.58 -9.21 15.80
CA ASP B 146 7.53 -10.67 15.76
C ASP B 146 6.12 -10.98 15.25
N VAL B 147 5.93 -12.17 14.68
CA VAL B 147 4.62 -12.49 14.16
C VAL B 147 3.71 -13.14 15.24
N ASP B 148 4.34 -13.82 16.19
CA ASP B 148 3.63 -14.50 17.26
C ASP B 148 3.09 -13.58 18.36
N GLN B 149 2.40 -12.54 17.93
CA GLN B 149 1.79 -11.59 18.85
C GLN B 149 0.52 -11.06 18.18
N VAL B 150 -0.37 -10.46 18.96
CA VAL B 150 -1.62 -9.94 18.41
C VAL B 150 -1.98 -8.61 19.05
N PHE B 151 -2.49 -7.69 18.25
CA PHE B 151 -2.88 -6.39 18.79
C PHE B 151 -4.19 -6.50 19.55
N GLN B 152 -4.21 -5.97 20.78
CA GLN B 152 -5.41 -6.00 21.61
C GLN B 152 -6.14 -4.68 21.62
N ASP B 153 -5.43 -3.58 21.32
CA ASP B 153 -6.05 -2.26 21.29
C ASP B 153 -5.20 -1.31 20.46
N LYS B 154 -5.57 -0.03 20.46
CA LYS B 154 -4.86 0.97 19.68
C LYS B 154 -3.37 1.08 19.94
N PHE B 155 -2.62 0.94 18.86
CA PHE B 155 -1.16 1.03 18.86
C PHE B 155 -0.94 2.19 17.89
N GLY B 156 -1.14 3.42 18.38
CA GLY B 156 -1.05 4.59 17.53
C GLY B 156 0.25 5.35 17.35
N VAL B 157 0.12 6.52 16.71
CA VAL B 157 1.26 7.38 16.43
C VAL B 157 1.99 7.87 17.69
N GLU B 158 1.43 7.60 18.86
CA GLU B 158 2.11 8.02 20.08
C GLU B 158 3.35 7.15 20.28
N THR B 159 3.59 6.20 19.37
CA THR B 159 4.75 5.32 19.46
C THR B 159 5.83 5.65 18.45
N LEU B 160 5.57 6.62 17.59
CA LEU B 160 6.53 7.00 16.56
C LEU B 160 7.71 7.80 17.13
N GLY B 161 8.89 7.64 16.52
CA GLY B 161 10.08 8.33 16.96
C GLY B 161 11.30 7.97 16.12
N GLU B 162 12.40 8.67 16.31
CA GLU B 162 13.63 8.39 15.56
C GLU B 162 14.02 6.92 15.70
N SER B 163 14.08 6.44 16.94
CA SER B 163 14.41 5.05 17.25
C SER B 163 13.60 4.61 18.45
N VAL B 164 12.75 3.60 18.26
CA VAL B 164 11.88 3.11 19.32
C VAL B 164 12.30 1.75 19.88
N ALA B 165 12.18 1.60 21.19
CA ALA B 165 12.52 0.34 21.83
C ALA B 165 11.32 -0.09 22.66
N GLN B 166 11.18 -1.39 22.84
CA GLN B 166 10.08 -1.95 23.62
C GLN B 166 10.63 -2.57 24.88
N LEU B 167 9.98 -2.29 26.01
CA LEU B 167 10.42 -2.87 27.28
C LEU B 167 9.89 -4.29 27.40
N GLN B 168 10.78 -5.20 27.77
CA GLN B 168 10.43 -6.61 27.93
C GLN B 168 9.54 -6.80 29.17
N ALA B 169 8.33 -7.31 28.95
CA ALA B 169 7.35 -7.51 30.02
C ALA B 169 7.82 -8.20 31.31
N TRP B 170 8.81 -9.06 31.20
CA TRP B 170 9.29 -9.77 32.38
C TRP B 170 10.33 -9.04 33.25
N TRP B 171 11.07 -8.12 32.65
CA TRP B 171 12.12 -7.43 33.40
C TRP B 171 11.99 -5.93 33.59
N TYR B 172 10.89 -5.33 33.16
CA TYR B 172 10.74 -3.87 33.28
C TYR B 172 10.93 -3.36 34.72
N LYS B 173 10.84 -4.26 35.69
CA LYS B 173 11.03 -3.89 37.10
C LYS B 173 12.22 -4.61 37.74
N ALA B 174 13.06 -5.21 36.91
CA ALA B 174 14.22 -5.94 37.41
C ALA B 174 15.47 -5.08 37.49
N ASP B 175 16.44 -5.57 38.25
CA ASP B 175 17.73 -4.91 38.43
C ASP B 175 18.57 -5.25 37.22
N PRO B 176 19.17 -4.24 36.57
CA PRO B 176 20.02 -4.43 35.39
C PRO B 176 20.94 -5.64 35.47
N ASN B 177 21.51 -5.88 36.64
CA ASN B 177 22.41 -7.01 36.82
C ASN B 177 21.71 -8.36 36.85
N ASP B 178 20.39 -8.36 36.69
CA ASP B 178 19.62 -9.58 36.64
C ASP B 178 19.18 -9.81 35.20
N PHE B 179 19.40 -8.81 34.36
CA PHE B 179 19.01 -8.89 32.94
C PHE B 179 19.70 -10.06 32.23
N THR B 180 19.03 -10.62 31.24
CA THR B 180 19.63 -11.72 30.51
C THR B 180 20.45 -11.22 29.31
N TYR B 181 21.35 -10.27 29.58
CA TYR B 181 22.23 -9.74 28.55
C TYR B 181 23.27 -10.83 28.30
N GLU B 182 23.89 -10.81 27.12
CA GLU B 182 24.94 -11.77 26.80
C GLU B 182 26.10 -11.36 27.69
N ARG B 183 26.52 -12.27 28.57
CA ARG B 183 27.59 -11.99 29.51
C ARG B 183 29.00 -12.46 29.13
N ARG B 184 29.10 -13.16 27.99
CA ARG B 184 30.39 -13.67 27.50
C ARG B 184 31.09 -12.60 26.66
N LYS B 185 32.29 -12.22 27.08
CA LYS B 185 33.03 -11.19 26.36
C LYS B 185 33.49 -11.61 24.96
N GLU B 186 33.38 -12.90 24.66
CA GLU B 186 33.77 -13.42 23.36
C GLU B 186 32.68 -13.10 22.33
N SER B 187 31.51 -12.71 22.81
CA SER B 187 30.40 -12.37 21.92
C SER B 187 30.32 -10.85 21.70
N ALA B 188 29.91 -10.46 20.50
CA ALA B 188 29.78 -9.04 20.15
C ALA B 188 28.64 -8.37 20.90
N ALA B 189 27.68 -9.17 21.34
CA ALA B 189 26.52 -8.66 22.07
C ALA B 189 26.80 -8.50 23.56
N TYR B 190 28.02 -8.81 23.97
CA TYR B 190 28.44 -8.73 25.36
C TYR B 190 28.22 -7.39 26.05
N ILE B 191 27.57 -7.46 27.22
CA ILE B 191 27.31 -6.29 28.06
C ILE B 191 27.78 -6.66 29.46
N PRO B 192 28.76 -5.92 30.00
CA PRO B 192 29.30 -6.15 31.33
C PRO B 192 28.29 -5.97 32.46
N PHE B 193 28.54 -6.64 33.58
CA PHE B 193 27.65 -6.47 34.73
C PHE B 193 27.96 -5.07 35.22
N GLY B 194 26.92 -4.35 35.62
CA GLY B 194 27.13 -3.00 36.10
C GLY B 194 26.88 -2.00 34.99
N GLU B 195 26.28 -2.48 33.89
CA GLU B 195 25.96 -1.66 32.74
C GLU B 195 24.61 -2.06 32.19
N GLY B 196 23.97 -1.15 31.47
CA GLY B 196 22.65 -1.42 30.89
C GLY B 196 21.59 -0.53 31.50
N ASP B 197 20.57 -0.16 30.71
CA ASP B 197 19.50 0.69 31.23
C ASP B 197 18.24 -0.15 31.41
N PHE B 198 17.80 -0.79 30.34
CA PHE B 198 16.63 -1.64 30.40
C PHE B 198 16.86 -2.85 29.52
N TYR B 199 15.98 -3.84 29.62
CA TYR B 199 16.09 -5.00 28.77
C TYR B 199 14.99 -4.84 27.73
N TYR B 200 15.41 -4.62 26.50
CA TYR B 200 14.47 -4.42 25.40
C TYR B 200 14.01 -5.70 24.75
N HIS B 201 12.74 -5.74 24.35
CA HIS B 201 12.17 -6.91 23.71
C HIS B 201 12.39 -6.80 22.20
N ALA B 202 13.10 -7.77 21.61
CA ALA B 202 13.37 -7.74 20.18
C ALA B 202 12.12 -7.98 19.35
N ALA B 203 11.01 -8.26 20.02
CA ALA B 203 9.74 -8.53 19.34
C ALA B 203 9.14 -7.27 18.71
N ILE B 204 9.52 -6.09 19.21
CA ILE B 204 9.03 -4.83 18.68
C ILE B 204 10.18 -3.82 18.74
N PHE B 205 10.44 -3.14 17.63
CA PHE B 205 11.45 -2.11 17.58
C PHE B 205 11.22 -1.35 16.28
N GLY B 206 11.59 -0.07 16.26
CA GLY B 206 11.36 0.70 15.05
C GLY B 206 11.99 2.09 15.06
N GLY B 207 11.55 2.93 14.12
CA GLY B 207 12.05 4.27 14.03
C GLY B 207 11.96 4.71 12.58
N THR B 208 12.78 5.69 12.20
CA THR B 208 12.75 6.14 10.82
C THR B 208 13.54 5.10 10.05
N PRO B 209 13.27 4.97 8.74
CA PRO B 209 13.99 3.99 7.93
C PRO B 209 15.50 4.03 8.18
N THR B 210 16.07 5.23 8.16
CA THR B 210 17.51 5.41 8.37
C THR B 210 17.96 4.77 9.67
N GLN B 211 17.31 5.15 10.75
CA GLN B 211 17.65 4.61 12.07
C GLN B 211 17.48 3.11 12.11
N VAL B 212 16.35 2.63 11.60
CA VAL B 212 16.12 1.20 11.62
C VAL B 212 17.21 0.48 10.83
N LEU B 213 17.65 1.10 9.74
CA LEU B 213 18.68 0.51 8.90
C LEU B 213 19.95 0.34 9.71
N ASN B 214 20.25 1.34 10.53
CA ASN B 214 21.45 1.25 11.33
C ASN B 214 21.35 0.18 12.40
N ILE B 215 20.17 0.09 13.03
CA ILE B 215 19.94 -0.90 14.06
C ILE B 215 20.11 -2.30 13.50
N THR B 216 19.42 -2.57 12.39
CA THR B 216 19.50 -3.89 11.77
C THR B 216 20.89 -4.18 11.19
N GLN B 217 21.57 -3.16 10.68
CA GLN B 217 22.90 -3.38 10.12
C GLN B 217 23.90 -3.75 11.20
N GLU B 218 23.89 -2.99 12.29
CA GLU B 218 24.81 -3.23 13.40
C GLU B 218 24.56 -4.58 14.10
N CYS B 219 23.30 -4.95 14.25
CA CYS B 219 22.97 -6.23 14.89
C CYS B 219 23.45 -7.40 14.04
N PHE B 220 23.16 -7.38 12.74
CA PHE B 220 23.59 -8.48 11.88
C PHE B 220 25.11 -8.62 11.83
N LYS B 221 25.80 -7.48 11.84
CA LYS B 221 27.26 -7.49 11.83
C LYS B 221 27.76 -8.23 13.07
N GLY B 222 27.14 -7.96 14.21
CA GLY B 222 27.53 -8.63 15.44
C GLY B 222 27.27 -10.12 15.33
N ILE B 223 26.13 -10.46 14.75
CA ILE B 223 25.71 -11.85 14.54
C ILE B 223 26.73 -12.59 13.68
N LEU B 224 27.16 -11.98 12.58
CA LEU B 224 28.12 -12.59 11.68
C LEU B 224 29.48 -12.77 12.35
N LYS B 225 29.89 -11.77 13.11
CA LYS B 225 31.16 -11.80 13.82
C LYS B 225 31.20 -12.95 14.82
N ASP B 226 30.07 -13.20 15.48
CA ASP B 226 30.02 -14.29 16.45
C ASP B 226 30.12 -15.62 15.71
N LYS B 227 29.44 -15.75 14.59
CA LYS B 227 29.51 -16.97 13.82
C LYS B 227 30.96 -17.29 13.47
N LYS B 228 31.76 -16.25 13.24
CA LYS B 228 33.16 -16.45 12.90
C LYS B 228 34.00 -16.84 14.13
N ASN B 229 33.54 -16.46 15.32
CA ASN B 229 34.25 -16.80 16.54
C ASN B 229 33.58 -18.01 17.20
N ASP B 230 32.78 -18.72 16.42
CA ASP B 230 32.10 -19.92 16.91
C ASP B 230 31.42 -19.71 18.26
N ILE B 231 30.56 -18.70 18.31
CA ILE B 231 29.82 -18.38 19.52
C ILE B 231 28.49 -17.78 19.09
N GLU B 232 27.43 -18.03 19.85
CA GLU B 232 26.12 -17.49 19.50
C GLU B 232 25.41 -16.93 20.73
N ALA B 233 25.13 -15.63 20.70
CA ALA B 233 24.48 -14.94 21.81
C ALA B 233 23.34 -15.78 22.39
N GLN B 234 23.26 -15.84 23.71
CA GLN B 234 22.23 -16.64 24.34
C GLN B 234 20.81 -16.29 23.95
N TRP B 235 20.58 -15.03 23.59
CA TRP B 235 19.25 -14.62 23.21
C TRP B 235 19.24 -14.10 21.78
N HIS B 236 20.26 -14.51 21.03
CA HIS B 236 20.42 -14.17 19.64
C HIS B 236 20.30 -12.70 19.30
N ASP B 237 19.54 -12.39 18.26
CA ASP B 237 19.36 -11.02 17.84
C ASP B 237 18.91 -10.11 18.97
N GLU B 238 18.16 -10.63 19.94
CA GLU B 238 17.73 -9.80 21.05
C GLU B 238 18.92 -9.36 21.89
N SER B 239 19.94 -10.22 21.96
CA SER B 239 21.12 -9.87 22.72
C SER B 239 21.86 -8.73 22.01
N HIS B 240 21.98 -8.84 20.68
CA HIS B 240 22.66 -7.82 19.88
C HIS B 240 21.92 -6.48 19.92
N LEU B 241 20.59 -6.54 19.88
CA LEU B 241 19.75 -5.36 19.93
C LEU B 241 19.95 -4.60 21.25
N ASN B 242 19.94 -5.33 22.37
CA ASN B 242 20.14 -4.69 23.66
C ASN B 242 21.49 -4.00 23.68
N LYS B 243 22.51 -4.67 23.16
CA LYS B 243 23.86 -4.11 23.10
C LYS B 243 23.85 -2.82 22.29
N TYR B 244 23.13 -2.86 21.17
CA TYR B 244 23.01 -1.71 20.28
C TYR B 244 22.29 -0.55 20.98
N PHE B 245 21.14 -0.84 21.58
CA PHE B 245 20.37 0.17 22.28
C PHE B 245 21.10 0.71 23.50
N LEU B 246 22.18 0.04 23.90
CA LEU B 246 22.97 0.50 25.03
C LEU B 246 23.89 1.59 24.51
N LEU B 247 24.51 1.31 23.36
CA LEU B 247 25.44 2.23 22.72
C LEU B 247 24.73 3.38 22.01
N ASN B 248 23.55 3.08 21.48
CA ASN B 248 22.75 4.06 20.75
C ASN B 248 21.37 4.14 21.37
N LYS B 249 21.30 4.74 22.55
CA LYS B 249 20.04 4.85 23.28
C LYS B 249 18.90 5.37 22.42
N PRO B 250 17.74 4.69 22.47
CA PRO B 250 16.56 5.08 21.69
C PRO B 250 15.96 6.42 22.12
N THR B 251 15.24 7.04 21.20
CA THR B 251 14.60 8.33 21.49
C THR B 251 13.26 8.16 22.17
N LYS B 252 12.73 6.94 22.15
CA LYS B 252 11.46 6.66 22.79
C LYS B 252 11.34 5.19 23.18
N ILE B 253 10.65 4.92 24.29
CA ILE B 253 10.47 3.57 24.80
C ILE B 253 9.00 3.28 25.08
N LEU B 254 8.57 2.06 24.77
CA LEU B 254 7.18 1.67 24.98
C LEU B 254 7.06 0.79 26.23
N SER B 255 6.08 1.09 27.08
CA SER B 255 5.88 0.32 28.30
C SER B 255 5.50 -1.10 27.93
N PRO B 256 5.54 -2.01 28.91
CA PRO B 256 5.18 -3.39 28.65
C PRO B 256 3.74 -3.50 28.14
N GLU B 257 2.98 -2.40 28.24
CA GLU B 257 1.59 -2.40 27.78
C GLU B 257 1.53 -2.56 26.26
N TYR B 258 2.60 -2.17 25.58
CA TYR B 258 2.64 -2.29 24.13
C TYR B 258 3.16 -3.66 23.70
N CYS B 259 3.38 -4.55 24.68
CA CYS B 259 3.84 -5.90 24.38
C CYS B 259 3.84 -6.76 25.65
N TRP B 260 2.64 -7.05 26.11
CA TRP B 260 2.42 -7.81 27.34
C TRP B 260 2.28 -9.34 27.24
N ASP B 261 2.75 -10.03 28.28
CA ASP B 261 2.65 -11.47 28.34
C ASP B 261 1.66 -11.80 29.46
N TYR B 262 0.51 -12.36 29.07
CA TYR B 262 -0.53 -12.71 30.03
C TYR B 262 -0.14 -13.81 30.99
N HIS B 263 0.94 -14.54 30.69
CA HIS B 263 1.36 -15.60 31.60
C HIS B 263 1.78 -14.94 32.91
N ILE B 264 2.23 -13.70 32.84
CA ILE B 264 2.66 -12.95 34.03
C ILE B 264 1.43 -12.57 34.83
N GLY B 265 0.28 -12.57 34.17
CA GLY B 265 -0.95 -12.18 34.81
C GLY B 265 -1.24 -10.76 34.35
N LEU B 266 -1.64 -9.90 35.28
CA LEU B 266 -1.92 -8.52 34.94
C LEU B 266 -1.79 -7.62 36.16
N PRO B 267 -0.57 -7.10 36.41
CA PRO B 267 -0.32 -6.23 37.56
C PRO B 267 -0.97 -4.86 37.37
N ALA B 268 -0.96 -4.06 38.43
CA ALA B 268 -1.56 -2.74 38.42
C ALA B 268 -0.89 -1.74 37.47
N ASP B 269 0.28 -2.10 36.93
CA ASP B 269 0.99 -1.21 36.02
C ASP B 269 0.46 -1.30 34.61
N ILE B 270 -0.04 -2.48 34.24
CA ILE B 270 -0.57 -2.67 32.90
C ILE B 270 -2.02 -2.19 32.88
N LYS B 271 -2.21 -0.89 32.62
CA LYS B 271 -3.54 -0.30 32.58
C LYS B 271 -4.35 -0.71 31.36
N LEU B 272 -3.72 -0.72 30.19
CA LEU B 272 -4.41 -1.09 28.94
C LEU B 272 -3.48 -1.71 27.91
N VAL B 273 -3.57 -3.03 27.75
CA VAL B 273 -2.74 -3.77 26.80
C VAL B 273 -3.03 -3.45 25.33
N LYS B 274 -2.01 -3.02 24.59
CA LYS B 274 -2.18 -2.69 23.19
C LYS B 274 -1.83 -3.91 22.32
N MET B 275 -0.98 -4.77 22.87
CA MET B 275 -0.55 -6.00 22.20
C MET B 275 -0.14 -7.05 23.22
N SER B 276 -0.48 -8.32 22.95
CA SER B 276 -0.15 -9.42 23.86
C SER B 276 0.53 -10.56 23.12
N TRP B 277 1.39 -11.29 23.83
CA TRP B 277 2.10 -12.41 23.24
C TRP B 277 1.17 -13.58 22.91
N GLN B 278 1.46 -14.25 21.80
CA GLN B 278 0.69 -15.43 21.40
C GLN B 278 1.41 -16.62 21.99
N THR B 279 0.64 -17.61 22.44
CA THR B 279 1.21 -18.81 23.03
C THR B 279 1.97 -19.60 21.97
N LYS B 280 3.06 -20.24 22.39
CA LYS B 280 3.88 -21.02 21.48
C LYS B 280 3.62 -22.51 21.57
N GLU B 281 3.14 -22.98 22.72
CA GLU B 281 2.85 -24.40 22.86
C GLU B 281 1.57 -24.65 23.63
N TYR B 282 0.99 -25.81 23.39
CA TYR B 282 -0.23 -26.21 24.05
C TYR B 282 0.21 -27.08 25.24
N ASN B 283 0.27 -26.47 26.42
CA ASN B 283 0.70 -27.18 27.63
C ASN B 283 -0.43 -27.82 28.43
N VAL B 284 -1.66 -27.46 28.11
CA VAL B 284 -2.80 -28.04 28.81
C VAL B 284 -3.75 -26.99 29.36
N1 UPF C . -14.61 -9.56 -16.71
C2 UPF C . -14.19 -10.63 -15.84
N3 UPF C . -14.61 -11.95 -16.10
C4 UPF C . -15.45 -12.23 -17.19
C5 UPF C . -15.89 -11.20 -18.06
C6 UPF C . -15.48 -9.88 -17.82
O2 UPF C . -13.44 -10.40 -14.87
O4 UPF C . -15.81 -13.39 -17.40
C1D UPF C . -14.17 -8.10 -16.45
C2D UPF C . -12.69 -7.98 -16.81
O2' UPF C . -12.01 -7.14 -15.85
C3D UPF C . -12.69 -7.37 -18.18
C4D UPF C . -13.91 -6.43 -18.14
O4D UPF C . -14.90 -7.13 -17.29
O3D UPF C . -11.47 -6.74 -18.48
C5D UPF C . -14.54 -6.18 -19.54
O5D UPF C . -14.93 -7.42 -20.18
PA UPF C . -14.27 -7.88 -21.55
O1A UPF C . -12.83 -7.68 -21.52
O2A UPF C . -14.75 -9.28 -21.81
O3A UPF C . -14.96 -6.89 -22.61
PB UPF C . -14.31 -6.11 -23.89
O1B UPF C . -12.89 -6.39 -24.15
O2B UPF C . -15.29 -6.33 -24.99
O3B UPF C . -14.30 -4.61 -23.33
C1' UPF C . -15.08 -3.45 -23.71
C2' UPF C . -14.57 -2.35 -22.74
C3' UPF C . -15.01 -2.73 -21.27
C4' UPF C . -16.56 -2.89 -21.20
C5' UPF C . -17.01 -3.96 -22.25
C6' UPF C . -18.54 -4.16 -22.29
F2' UPF C . -13.21 -2.20 -22.84
O3' UPF C . -14.57 -1.77 -20.33
O4' UPF C . -17.19 -1.63 -21.43
O5' UPF C . -16.53 -3.64 -23.62
O6' UPF C . -18.84 -5.16 -23.29
MN MN D . -11.35 -5.88 -22.26
N1 UPF E . 10.22 -17.21 13.15
C2 UPF E . 9.53 -17.88 12.09
N3 UPF E . 9.44 -19.27 12.05
C4 UPF E . 10.04 -20.04 13.07
C5 UPF E . 10.74 -19.43 14.14
C6 UPF E . 10.83 -18.03 14.17
O2 UPF E . 8.98 -17.22 11.19
O4 UPF E . 9.95 -21.26 13.03
C1D UPF E . 10.31 -15.68 13.19
C2D UPF E . 8.96 -15.16 13.61
O2' UPF E . 8.68 -13.93 12.94
C3D UPF E . 9.11 -14.94 15.08
C4D UPF E . 10.54 -14.38 15.17
O4D UPF E . 11.28 -15.17 14.17
O3D UPF E . 8.08 -14.12 15.61
C5D UPF E . 11.19 -14.59 16.55
O5D UPF E . 11.10 -15.98 16.97
PA UPF E . 10.17 -16.40 18.17
O1A UPF E . 8.97 -15.58 18.22
O2A UPF E . 9.97 -17.87 18.05
O3A UPF E . 11.12 -16.07 19.42
PB UPF E . 10.77 -15.47 20.89
O1B UPF E . 9.35 -15.23 21.14
O2B UPF E . 11.51 -16.36 21.83
O3B UPF E . 11.37 -13.99 20.75
C1' UPF E . 12.50 -13.32 21.35
C2' UPF E . 12.43 -11.91 20.70
C3' UPF E . 12.67 -12.07 19.14
C4' UPF E . 14.04 -12.74 18.88
C5' UPF E . 14.09 -14.11 19.62
C6' UPF E . 15.44 -14.84 19.46
F2' UPF E . 11.23 -11.31 20.97
O3' UPF E . 12.59 -10.81 18.47
O4' UPF E . 15.08 -11.86 19.31
O5' UPF E . 13.79 -13.98 21.07
O6' UPF E . 15.38 -16.08 20.18
MN MN F . 8.18 -13.97 19.52
#